data_6Y3W
#
_entry.id   6Y3W
#
_cell.length_a   82.532
_cell.length_b   112.487
_cell.length_c   62.731
_cell.angle_alpha   90.000
_cell.angle_beta   90.000
_cell.angle_gamma   90.000
#
_symmetry.space_group_name_H-M   'C 2 2 21'
#
loop_
_entity.id
_entity.type
_entity.pdbx_description
1 polymer '14-3-3 protein sigma'
2 polymer 'Estrogen Related Receptor gamma phosphopetide'
3 non-polymer 'MAGNESIUM ION'
4 non-polymer 'CHLORIDE ION'
5 non-polymer 3-fluoranyl-~{N}-methyl-~{N}-(2-sulfanylethyl)benzamide
6 water water
#
loop_
_entity_poly.entity_id
_entity_poly.type
_entity_poly.pdbx_seq_one_letter_code
_entity_poly.pdbx_strand_id
1 'polypeptide(L)'
;GAMGSMERASLIQKAKLAEQAERYEDMAAFMKGAVEKGEELSNEERNLLSVAYKNVVGGQRAAWRVLSSIEQKSNEEGSE
EKGPEVREYREKVETELQGVCDTVLGLLDSHLIKEAGDAESRVFYLKMKGDYYRYLAEVATGDDKKRIIDSARSAYQEAM
DISKKEMPPTNPIRLGLALNFSVFHYEIANSPEEAISLAKTTFDEAMADLHTLSEDSYKDSTLIMQLLRDNLTLWT
;
A
2 'polypeptide(L)' KRRRK(SEP)CQA(NH2) B
#
# COMPACT_ATOMS: atom_id res chain seq x y z
N ALA A 2 23.85 -1.04 -7.07
CA ALA A 2 24.59 -2.28 -6.70
C ALA A 2 24.12 -3.49 -7.51
N MET A 3 22.91 -3.41 -8.08
CA MET A 3 22.38 -4.46 -8.94
C MET A 3 22.62 -4.21 -10.42
N GLY A 4 23.37 -3.16 -10.77
CA GLY A 4 23.53 -2.80 -12.16
C GLY A 4 24.23 -3.84 -13.01
N SER A 5 25.06 -4.68 -12.39
CA SER A 5 25.78 -5.71 -13.14
C SER A 5 25.02 -7.03 -13.27
N MET A 6 23.86 -7.17 -12.63
CA MET A 6 23.08 -8.40 -12.69
C MET A 6 22.01 -8.31 -13.76
N GLU A 7 21.83 -9.40 -14.50
CA GLU A 7 20.80 -9.48 -15.54
C GLU A 7 19.41 -9.27 -14.94
N ARG A 8 18.54 -8.60 -15.70
CA ARG A 8 17.16 -8.42 -15.27
C ARG A 8 16.50 -9.75 -14.91
N ALA A 9 16.66 -10.78 -15.75
CA ALA A 9 15.97 -12.03 -15.49
C ALA A 9 16.49 -12.67 -14.21
N SER A 10 17.79 -12.52 -13.94
CA SER A 10 18.38 -13.08 -12.73
C SER A 10 17.89 -12.35 -11.49
N LEU A 11 17.71 -11.03 -11.58
CA LEU A 11 17.13 -10.27 -10.48
C LEU A 11 15.74 -10.77 -10.15
N ILE A 12 14.92 -11.00 -11.19
CA ILE A 12 13.56 -11.49 -10.96
C ILE A 12 13.57 -12.89 -10.37
N GLN A 13 14.43 -13.77 -10.89
CA GLN A 13 14.57 -15.11 -10.33
C GLN A 13 14.96 -15.06 -8.87
N LYS A 14 15.94 -14.20 -8.53
CA LYS A 14 16.37 -14.11 -7.14
C LYS A 14 15.33 -13.44 -6.25
N ALA A 15 14.54 -12.51 -6.77
CA ALA A 15 13.44 -11.98 -5.97
C ALA A 15 12.47 -13.09 -5.57
N LYS A 16 12.18 -14.03 -6.47
CA LYS A 16 11.27 -15.12 -6.15
C LYS A 16 11.90 -16.05 -5.12
N LEU A 17 13.21 -16.30 -5.23
CA LEU A 17 13.89 -17.09 -4.21
C LEU A 17 13.87 -16.41 -2.86
N ALA A 18 14.14 -15.09 -2.84
CA ALA A 18 14.10 -14.34 -1.59
C ALA A 18 12.72 -14.43 -0.95
N GLU A 19 11.65 -14.31 -1.75
CA GLU A 19 10.31 -14.49 -1.21
C GLU A 19 10.15 -15.85 -0.53
N GLN A 20 10.57 -16.92 -1.20
CA GLN A 20 10.44 -18.26 -0.62
C GLN A 20 11.20 -18.37 0.70
N ALA A 21 12.34 -17.67 0.81
CA ALA A 21 13.18 -17.68 2.00
C ALA A 21 12.77 -16.63 3.03
N GLU A 22 11.71 -15.87 2.76
CA GLU A 22 11.24 -14.80 3.65
C GLU A 22 12.33 -13.77 3.93
N ARG A 23 13.11 -13.46 2.89
CA ARG A 23 14.17 -12.46 2.92
C ARG A 23 13.69 -11.24 2.14
N TYR A 24 12.81 -10.46 2.78
CA TYR A 24 12.08 -9.43 2.06
C TYR A 24 12.94 -8.21 1.74
N GLU A 25 13.92 -7.89 2.60
N GLU A 25 13.92 -7.89 2.60
CA GLU A 25 14.85 -6.82 2.25
CA GLU A 25 14.86 -6.82 2.26
C GLU A 25 15.63 -7.16 0.98
C GLU A 25 15.62 -7.17 0.98
N ASP A 26 16.12 -8.40 0.88
CA ASP A 26 16.79 -8.81 -0.34
C ASP A 26 15.82 -8.77 -1.52
N MET A 27 14.61 -9.27 -1.32
CA MET A 27 13.59 -9.27 -2.38
C MET A 27 13.39 -7.85 -2.91
N ALA A 28 13.28 -6.87 -2.01
CA ALA A 28 13.07 -5.50 -2.43
C ALA A 28 14.29 -4.96 -3.18
N ALA A 29 15.50 -5.29 -2.72
CA ALA A 29 16.68 -4.81 -3.42
C ALA A 29 16.77 -5.39 -4.82
N PHE A 30 16.42 -6.67 -4.98
CA PHE A 30 16.41 -7.28 -6.31
C PHE A 30 15.38 -6.63 -7.21
N MET A 31 14.17 -6.38 -6.70
CA MET A 31 13.14 -5.75 -7.53
C MET A 31 13.47 -4.30 -7.85
N LYS A 32 14.07 -3.54 -6.93
CA LYS A 32 14.56 -2.20 -7.26
C LYS A 32 15.55 -2.29 -8.42
N GLY A 33 16.49 -3.23 -8.35
CA GLY A 33 17.42 -3.41 -9.45
C GLY A 33 16.70 -3.71 -10.75
N ALA A 34 15.67 -4.55 -10.69
CA ALA A 34 14.93 -4.87 -11.91
C ALA A 34 14.24 -3.64 -12.48
N VAL A 35 13.57 -2.86 -11.63
CA VAL A 35 12.94 -1.61 -12.10
C VAL A 35 13.95 -0.71 -12.76
N GLU A 36 15.14 -0.58 -12.15
CA GLU A 36 16.15 0.35 -12.65
C GLU A 36 16.75 -0.10 -13.98
N LYS A 37 16.45 -1.30 -14.48
CA LYS A 37 16.85 -1.66 -15.84
C LYS A 37 16.12 -0.82 -16.89
N GLY A 38 15.00 -0.19 -16.52
CA GLY A 38 14.31 0.75 -17.39
C GLY A 38 13.17 0.17 -18.20
N GLU A 39 12.98 -1.13 -18.22
CA GLU A 39 11.86 -1.73 -18.93
C GLU A 39 10.61 -1.73 -18.06
N GLU A 40 9.44 -1.71 -18.70
CA GLU A 40 8.18 -1.87 -18.00
C GLU A 40 8.12 -3.22 -17.30
N LEU A 41 7.29 -3.29 -16.25
CA LEU A 41 7.10 -4.50 -15.48
C LEU A 41 5.85 -5.22 -15.96
N SER A 42 5.92 -6.56 -15.99
CA SER A 42 4.73 -7.37 -16.21
C SER A 42 3.83 -7.41 -14.96
N ASN A 43 2.64 -8.01 -15.11
CA ASN A 43 1.74 -8.14 -13.96
C ASN A 43 2.43 -8.88 -12.81
N GLU A 44 3.06 -10.00 -13.12
CA GLU A 44 3.74 -10.78 -12.07
C GLU A 44 4.83 -9.95 -11.42
N GLU A 45 5.61 -9.21 -12.24
CA GLU A 45 6.72 -8.44 -11.69
C GLU A 45 6.23 -7.29 -10.81
N ARG A 46 5.10 -6.65 -11.20
CA ARG A 46 4.52 -5.61 -10.35
C ARG A 46 4.14 -6.18 -9.00
N ASN A 47 3.58 -7.39 -8.98
N ASN A 47 3.56 -7.38 -9.01
CA ASN A 47 3.19 -7.97 -7.70
CA ASN A 47 3.18 -8.04 -7.76
C ASN A 47 4.40 -8.37 -6.87
C ASN A 47 4.41 -8.29 -6.89
N LEU A 48 5.51 -8.75 -7.50
CA LEU A 48 6.71 -9.03 -6.72
C LEU A 48 7.24 -7.76 -6.09
N LEU A 49 7.23 -6.65 -6.83
CA LEU A 49 7.67 -5.36 -6.29
C LEU A 49 6.82 -4.97 -5.09
N SER A 50 5.49 -5.12 -5.21
CA SER A 50 4.56 -4.76 -4.15
C SER A 50 4.76 -5.64 -2.92
N VAL A 51 4.83 -6.95 -3.11
CA VAL A 51 5.04 -7.86 -1.97
C VAL A 51 6.31 -7.48 -1.22
N ALA A 52 7.39 -7.24 -1.94
CA ALA A 52 8.68 -7.02 -1.30
C ALA A 52 8.63 -5.79 -0.41
N TYR A 53 8.24 -4.65 -0.98
CA TYR A 53 8.27 -3.41 -0.22
C TYR A 53 7.17 -3.37 0.84
N LYS A 54 6.02 -3.99 0.60
CA LYS A 54 4.99 -3.99 1.64
C LYS A 54 5.46 -4.75 2.87
N ASN A 55 6.19 -5.84 2.67
CA ASN A 55 6.72 -6.57 3.80
C ASN A 55 7.80 -5.77 4.53
N VAL A 56 8.72 -5.16 3.80
CA VAL A 56 9.76 -4.34 4.45
C VAL A 56 9.12 -3.22 5.26
N VAL A 57 8.29 -2.40 4.63
CA VAL A 57 7.72 -1.25 5.35
CA VAL A 57 7.70 -1.26 5.34
C VAL A 57 6.75 -1.72 6.42
N GLY A 58 6.11 -2.88 6.24
CA GLY A 58 5.20 -3.39 7.26
C GLY A 58 5.91 -3.69 8.56
N GLY A 59 7.11 -4.28 8.47
CA GLY A 59 7.90 -4.50 9.67
C GLY A 59 8.30 -3.19 10.33
N GLN A 60 8.67 -2.19 9.52
CA GLN A 60 9.07 -0.90 10.08
C GLN A 60 7.90 -0.20 10.75
N ARG A 61 6.72 -0.25 10.12
CA ARG A 61 5.54 0.39 10.68
C ARG A 61 5.16 -0.25 12.00
N ALA A 62 5.19 -1.58 12.07
CA ALA A 62 4.85 -2.26 13.31
C ALA A 62 5.83 -1.87 14.41
N ALA A 63 7.13 -1.80 14.09
CA ALA A 63 8.12 -1.40 15.09
C ALA A 63 7.91 0.04 15.53
N TRP A 64 7.63 0.94 14.56
CA TRP A 64 7.36 2.34 14.88
C TRP A 64 6.19 2.47 15.84
N ARG A 65 5.12 1.70 15.63
CA ARG A 65 3.97 1.79 16.52
C ARG A 65 4.32 1.33 17.92
N VAL A 66 5.13 0.27 18.04
CA VAL A 66 5.55 -0.19 19.37
C VAL A 66 6.32 0.91 20.08
N LEU A 67 7.28 1.50 19.38
CA LEU A 67 8.13 2.53 19.98
C LEU A 67 7.34 3.81 20.28
N SER A 68 6.41 4.19 19.39
CA SER A 68 5.60 5.37 19.62
CA SER A 68 5.60 5.37 19.63
C SER A 68 4.73 5.20 20.86
N SER A 69 4.20 4.00 21.07
CA SER A 69 3.40 3.76 22.26
C SER A 69 4.24 3.88 23.53
N ILE A 70 5.45 3.31 23.52
CA ILE A 70 6.34 3.46 24.68
C ILE A 70 6.64 4.93 24.93
N GLU A 71 6.92 5.68 23.86
CA GLU A 71 7.22 7.10 24.00
C GLU A 71 6.03 7.85 24.58
N GLN A 72 4.82 7.53 24.11
CA GLN A 72 3.63 8.18 24.65
C GLN A 72 3.49 7.93 26.14
N LYS A 73 3.66 6.67 26.57
CA LYS A 73 3.58 6.36 28.00
C LYS A 73 4.65 7.08 28.79
N SER A 74 5.81 7.32 28.18
CA SER A 74 6.90 8.00 28.88
C SER A 74 6.60 9.47 29.15
N ASN A 75 5.66 10.06 28.41
CA ASN A 75 5.32 11.47 28.59
C ASN A 75 3.99 11.67 29.31
N GLU A 76 3.45 10.62 29.91
CA GLU A 76 2.29 10.75 30.78
C GLU A 76 2.72 11.25 32.15
N GLU A 77 1.81 11.93 32.83
CA GLU A 77 2.09 12.38 34.19
C GLU A 77 2.38 11.18 35.09
N GLY A 78 3.41 11.31 35.92
CA GLY A 78 3.80 10.26 36.83
C GLY A 78 4.85 9.31 36.28
N SER A 79 5.24 9.47 35.02
CA SER A 79 6.26 8.61 34.44
C SER A 79 7.64 9.11 34.82
N GLU A 80 8.54 8.18 35.13
CA GLU A 80 9.91 8.52 35.45
C GLU A 80 10.66 8.92 34.18
N GLU A 81 11.49 9.95 34.30
CA GLU A 81 12.28 10.41 33.17
C GLU A 81 13.38 9.40 32.87
N LYS A 82 13.39 8.87 31.65
CA LYS A 82 14.36 7.86 31.25
C LYS A 82 15.38 8.37 30.25
N GLY A 83 15.34 9.65 29.90
CA GLY A 83 16.30 10.22 29.00
C GLY A 83 15.81 10.23 27.56
N PRO A 84 16.70 10.58 26.64
CA PRO A 84 16.32 10.77 25.23
C PRO A 84 16.25 9.49 24.42
N GLU A 85 16.54 8.33 25.02
CA GLU A 85 16.78 7.14 24.22
C GLU A 85 15.54 6.65 23.48
N VAL A 86 14.35 6.72 24.11
CA VAL A 86 13.16 6.23 23.42
C VAL A 86 12.87 7.07 22.19
N ARG A 87 12.89 8.40 22.35
CA ARG A 87 12.70 9.29 21.22
C ARG A 87 13.75 9.06 20.14
N GLU A 88 15.03 8.92 20.54
CA GLU A 88 16.07 8.73 19.56
C GLU A 88 15.82 7.46 18.74
N TYR A 89 15.47 6.37 19.41
CA TYR A 89 15.31 5.10 18.71
C TYR A 89 14.05 5.11 17.84
N ARG A 90 12.96 5.70 18.35
CA ARG A 90 11.78 5.91 17.50
C ARG A 90 12.14 6.72 16.27
N GLU A 91 12.93 7.79 16.43
CA GLU A 91 13.36 8.60 15.29
C GLU A 91 14.21 7.80 14.32
N LYS A 92 15.07 6.91 14.83
CA LYS A 92 15.90 6.10 13.95
C LYS A 92 15.03 5.22 13.07
N VAL A 93 14.08 4.51 13.69
CA VAL A 93 13.18 3.64 12.91
C VAL A 93 12.34 4.47 11.96
N GLU A 94 11.87 5.64 12.40
CA GLU A 94 11.06 6.50 11.55
C GLU A 94 11.83 6.96 10.31
N THR A 95 13.10 7.33 10.49
CA THR A 95 13.90 7.79 9.37
C THR A 95 14.14 6.67 8.37
N GLU A 96 14.37 5.45 8.86
CA GLU A 96 14.53 4.30 7.95
CA GLU A 96 14.53 4.32 7.95
C GLU A 96 13.25 4.05 7.18
N LEU A 97 12.11 4.11 7.86
CA LEU A 97 10.82 3.92 7.20
C LEU A 97 10.58 4.99 6.13
N GLN A 98 10.83 6.25 6.47
CA GLN A 98 10.71 7.33 5.50
C GLN A 98 11.62 7.08 4.31
N GLY A 99 12.83 6.57 4.54
CA GLY A 99 13.73 6.26 3.44
C GLY A 99 13.17 5.22 2.50
N VAL A 100 12.57 4.17 3.04
CA VAL A 100 11.96 3.16 2.19
C VAL A 100 10.79 3.75 1.39
N CYS A 101 9.95 4.56 2.03
CA CYS A 101 8.85 5.16 1.29
C CYS A 101 9.39 6.03 0.17
N ASP A 102 10.42 6.84 0.46
CA ASP A 102 10.99 7.73 -0.55
C ASP A 102 11.60 6.92 -1.70
N THR A 103 12.19 5.77 -1.39
CA THR A 103 12.72 4.90 -2.44
C THR A 103 11.61 4.39 -3.36
N VAL A 104 10.50 3.92 -2.78
CA VAL A 104 9.41 3.42 -3.62
C VAL A 104 8.82 4.56 -4.45
N LEU A 105 8.57 5.72 -3.81
CA LEU A 105 8.03 6.86 -4.53
C LEU A 105 8.97 7.28 -5.63
N GLY A 106 10.29 7.15 -5.40
CA GLY A 106 11.24 7.50 -6.43
C GLY A 106 11.20 6.55 -7.62
N LEU A 107 10.99 5.26 -7.37
CA LEU A 107 10.85 4.33 -8.50
C LEU A 107 9.59 4.62 -9.29
N LEU A 108 8.51 4.96 -8.60
CA LEU A 108 7.27 5.27 -9.29
C LEU A 108 7.44 6.52 -10.15
N ASP A 109 8.17 7.52 -9.64
CA ASP A 109 8.36 8.76 -10.37
C ASP A 109 9.42 8.66 -11.46
N SER A 110 10.31 7.68 -11.40
CA SER A 110 11.45 7.57 -12.33
C SER A 110 11.63 6.09 -12.68
N HIS A 111 10.81 5.53 -13.58
CA HIS A 111 9.83 6.22 -14.42
C HIS A 111 8.59 5.33 -14.61
N LEU A 112 8.21 4.59 -13.57
CA LEU A 112 7.17 3.58 -13.76
C LEU A 112 5.82 4.19 -14.15
N ILE A 113 5.39 5.25 -13.43
CA ILE A 113 4.06 5.80 -13.71
C ILE A 113 3.97 6.38 -15.12
N LYS A 114 4.97 7.15 -15.54
CA LYS A 114 4.86 7.84 -16.81
C LYS A 114 4.81 6.87 -17.98
N GLU A 115 5.37 5.67 -17.85
CA GLU A 115 5.36 4.67 -18.92
CA GLU A 115 5.31 4.72 -18.96
C GLU A 115 4.14 3.75 -18.87
N ALA A 116 3.32 3.84 -17.82
CA ALA A 116 2.21 2.92 -17.59
C ALA A 116 0.95 3.44 -18.27
N GLY A 117 0.55 2.78 -19.36
CA GLY A 117 -0.60 3.21 -20.13
C GLY A 117 -1.84 2.36 -19.98
N ASP A 118 -1.68 1.08 -19.69
CA ASP A 118 -2.84 0.23 -19.51
C ASP A 118 -3.43 0.45 -18.12
N ALA A 119 -4.75 0.33 -18.00
CA ALA A 119 -5.40 0.62 -16.73
C ALA A 119 -4.84 -0.24 -15.60
N GLU A 120 -4.60 -1.52 -15.85
CA GLU A 120 -4.15 -2.41 -14.78
C GLU A 120 -2.83 -1.94 -14.18
N SER A 121 -1.91 -1.49 -15.04
CA SER A 121 -0.62 -1.05 -14.53
CA SER A 121 -0.62 -1.04 -14.56
CA SER A 121 -0.62 -1.03 -14.57
C SER A 121 -0.74 0.34 -13.92
N ARG A 122 -1.42 1.28 -14.59
CA ARG A 122 -1.49 2.64 -14.09
C ARG A 122 -2.19 2.71 -12.74
N VAL A 123 -3.33 2.03 -12.60
CA VAL A 123 -4.04 2.01 -11.32
C VAL A 123 -3.18 1.37 -10.23
N PHE A 124 -2.50 0.27 -10.56
CA PHE A 124 -1.62 -0.39 -9.59
C PHE A 124 -0.57 0.57 -9.05
N TYR A 125 0.10 1.31 -9.95
CA TYR A 125 1.17 2.20 -9.53
C TYR A 125 0.63 3.41 -8.77
N LEU A 126 -0.50 3.97 -9.20
CA LEU A 126 -1.07 5.11 -8.49
C LEU A 126 -1.58 4.71 -7.11
N LYS A 127 -2.15 3.52 -6.98
CA LYS A 127 -2.48 2.98 -5.66
C LYS A 127 -1.23 2.89 -4.80
N MET A 128 -0.14 2.35 -5.36
CA MET A 128 1.11 2.26 -4.61
C MET A 128 1.58 3.64 -4.15
N LYS A 129 1.51 4.63 -5.04
CA LYS A 129 1.89 5.99 -4.69
C LYS A 129 1.06 6.49 -3.52
N GLY A 130 -0.27 6.28 -3.56
CA GLY A 130 -1.09 6.67 -2.43
C GLY A 130 -0.71 5.95 -1.15
N ASP A 131 -0.43 4.64 -1.25
CA ASP A 131 -0.04 3.85 -0.09
C ASP A 131 1.21 4.41 0.59
N TYR A 132 2.27 4.69 -0.19
CA TYR A 132 3.53 5.11 0.44
C TYR A 132 3.45 6.54 0.94
N TYR A 133 2.68 7.43 0.30
CA TYR A 133 2.36 8.71 0.94
C TYR A 133 1.55 8.52 2.22
N ARG A 134 0.63 7.54 2.24
CA ARG A 134 -0.12 7.26 3.46
C ARG A 134 0.79 6.82 4.59
N TYR A 135 1.79 5.96 4.29
CA TYR A 135 2.73 5.56 5.33
C TYR A 135 3.57 6.74 5.82
N LEU A 136 3.96 7.65 4.91
CA LEU A 136 4.61 8.89 5.34
C LEU A 136 3.68 9.70 6.24
N ALA A 137 2.38 9.75 5.91
CA ALA A 137 1.44 10.52 6.71
C ALA A 137 1.28 9.95 8.11
N GLU A 138 1.39 8.62 8.25
CA GLU A 138 1.21 7.99 9.55
C GLU A 138 2.21 8.51 10.56
N VAL A 139 3.41 8.92 10.13
CA VAL A 139 4.47 9.37 11.03
C VAL A 139 4.69 10.87 10.97
N ALA A 140 3.96 11.58 10.12
CA ALA A 140 4.20 13.00 9.91
C ALA A 140 3.60 13.83 11.04
N THR A 141 4.33 14.88 11.42
CA THR A 141 3.92 15.79 12.49
C THR A 141 4.13 17.26 12.18
N GLY A 142 4.87 17.61 11.11
CA GLY A 142 5.28 18.99 10.90
C GLY A 142 4.60 19.77 9.80
N ASP A 143 5.32 20.75 9.25
CA ASP A 143 4.70 21.76 8.37
C ASP A 143 4.17 21.16 7.07
N ASP A 144 4.76 20.06 6.60
CA ASP A 144 4.36 19.47 5.33
C ASP A 144 3.33 18.35 5.49
N LYS A 145 2.82 18.13 6.70
CA LYS A 145 1.91 17.00 6.92
C LYS A 145 0.65 17.12 6.06
N LYS A 146 0.07 18.30 5.99
CA LYS A 146 -1.12 18.46 5.15
C LYS A 146 -0.79 18.17 3.69
N ARG A 147 0.39 18.57 3.24
CA ARG A 147 0.77 18.31 1.85
C ARG A 147 1.01 16.82 1.62
N ILE A 148 1.57 16.11 2.62
CA ILE A 148 1.76 14.66 2.48
C ILE A 148 0.41 13.97 2.36
N ILE A 149 -0.54 14.34 3.23
CA ILE A 149 -1.89 13.78 3.16
C ILE A 149 -2.53 14.08 1.83
N ASP A 150 -2.37 15.30 1.33
CA ASP A 150 -3.00 15.62 0.05
C ASP A 150 -2.35 14.84 -1.10
N SER A 151 -1.05 14.56 -1.01
CA SER A 151 -0.40 13.77 -2.05
C SER A 151 -0.95 12.35 -2.08
N ALA A 152 -1.19 11.76 -0.90
CA ALA A 152 -1.83 10.45 -0.87
C ALA A 152 -3.22 10.52 -1.49
N ARG A 153 -4.01 11.50 -1.06
CA ARG A 153 -5.38 11.66 -1.57
C ARG A 153 -5.39 11.79 -3.09
N SER A 154 -4.51 12.63 -3.62
CA SER A 154 -4.51 12.90 -5.05
C SER A 154 -4.16 11.66 -5.85
N ALA A 155 -3.18 10.88 -5.40
CA ALA A 155 -2.82 9.65 -6.11
C ALA A 155 -3.96 8.63 -6.06
N TYR A 156 -4.55 8.44 -4.88
CA TYR A 156 -5.70 7.53 -4.76
C TYR A 156 -6.84 8.00 -5.64
N GLN A 157 -7.10 9.31 -5.69
CA GLN A 157 -8.23 9.81 -6.46
C GLN A 157 -8.05 9.58 -7.95
N GLU A 158 -6.84 9.82 -8.47
CA GLU A 158 -6.58 9.52 -9.88
C GLU A 158 -6.73 8.03 -10.18
N ALA A 159 -6.26 7.18 -9.26
CA ALA A 159 -6.40 5.74 -9.45
C ALA A 159 -7.88 5.34 -9.45
N MET A 160 -8.67 5.94 -8.53
N MET A 160 -8.66 5.94 -8.53
CA MET A 160 -10.10 5.62 -8.48
CA MET A 160 -10.09 5.71 -8.43
C MET A 160 -10.79 6.05 -9.77
C MET A 160 -10.79 6.08 -9.72
N ASP A 161 -10.48 7.25 -10.26
CA ASP A 161 -11.15 7.72 -11.48
C ASP A 161 -10.88 6.77 -12.64
N ILE A 162 -9.63 6.34 -12.82
CA ILE A 162 -9.30 5.41 -13.90
C ILE A 162 -9.99 4.07 -13.67
N SER A 163 -9.92 3.56 -12.45
CA SER A 163 -10.48 2.24 -12.16
C SER A 163 -11.99 2.19 -12.43
N LYS A 164 -12.70 3.27 -12.13
CA LYS A 164 -14.16 3.28 -12.34
C LYS A 164 -14.49 3.30 -13.82
N LYS A 165 -13.67 3.96 -14.63
CA LYS A 165 -13.93 4.05 -16.05
CA LYS A 165 -13.92 4.06 -16.06
C LYS A 165 -13.50 2.81 -16.81
N GLU A 166 -12.40 2.16 -16.39
CA GLU A 166 -11.75 1.15 -17.20
C GLU A 166 -11.76 -0.27 -16.68
N MET A 167 -12.20 -0.51 -15.45
CA MET A 167 -12.16 -1.85 -14.87
CA MET A 167 -12.15 -1.84 -14.85
C MET A 167 -13.52 -2.23 -14.33
N PRO A 168 -13.85 -3.52 -14.35
CA PRO A 168 -15.11 -3.97 -13.75
C PRO A 168 -15.07 -3.83 -12.23
N PRO A 169 -16.22 -3.75 -11.59
CA PRO A 169 -16.26 -3.51 -10.15
C PRO A 169 -15.68 -4.65 -9.34
N THR A 170 -15.49 -5.82 -9.93
CA THR A 170 -14.89 -6.95 -9.25
C THR A 170 -13.38 -7.07 -9.46
N ASN A 171 -12.78 -6.22 -10.26
CA ASN A 171 -11.35 -6.33 -10.52
C ASN A 171 -10.57 -6.25 -9.20
N PRO A 172 -9.66 -7.20 -8.93
CA PRO A 172 -8.96 -7.18 -7.63
C PRO A 172 -8.13 -5.92 -7.37
N ILE A 173 -7.56 -5.30 -8.40
N ILE A 173 -7.55 -5.31 -8.41
CA ILE A 173 -6.81 -4.07 -8.18
CA ILE A 173 -6.82 -4.07 -8.21
C ILE A 173 -7.77 -2.94 -7.80
C ILE A 173 -7.77 -2.95 -7.80
N ARG A 174 -8.89 -2.84 -8.51
CA ARG A 174 -9.91 -1.86 -8.15
C ARG A 174 -10.37 -2.07 -6.72
N LEU A 175 -10.62 -3.31 -6.34
CA LEU A 175 -11.08 -3.58 -4.98
C LEU A 175 -10.03 -3.24 -3.93
N GLY A 176 -8.77 -3.64 -4.18
CA GLY A 176 -7.71 -3.34 -3.21
C GLY A 176 -7.45 -1.85 -3.08
N LEU A 177 -7.54 -1.12 -4.19
CA LEU A 177 -7.45 0.33 -4.14
C LEU A 177 -8.55 0.92 -3.26
N ALA A 178 -9.80 0.50 -3.49
CA ALA A 178 -10.90 1.05 -2.70
C ALA A 178 -10.73 0.72 -1.23
N LEU A 179 -10.36 -0.52 -0.92
CA LEU A 179 -10.04 -0.87 0.47
C LEU A 179 -9.06 0.11 1.11
N ASN A 180 -7.96 0.38 0.41
CA ASN A 180 -6.91 1.21 1.00
C ASN A 180 -7.30 2.69 1.05
N PHE A 181 -8.00 3.19 0.03
CA PHE A 181 -8.48 4.58 0.07
C PHE A 181 -9.48 4.75 1.21
N SER A 182 -10.32 3.74 1.44
CA SER A 182 -11.25 3.79 2.57
CA SER A 182 -11.25 3.79 2.57
C SER A 182 -10.49 3.85 3.90
N VAL A 183 -9.43 3.05 4.05
CA VAL A 183 -8.60 3.16 5.26
C VAL A 183 -7.98 4.56 5.38
N PHE A 184 -7.47 5.10 4.26
CA PHE A 184 -6.99 6.48 4.24
C PHE A 184 -8.03 7.43 4.81
N HIS A 185 -9.26 7.36 4.32
CA HIS A 185 -10.30 8.25 4.83
C HIS A 185 -10.51 8.06 6.33
N TYR A 186 -10.56 6.81 6.79
CA TYR A 186 -10.90 6.54 8.19
C TYR A 186 -9.80 7.00 9.13
N GLU A 187 -8.54 6.66 8.80
CA GLU A 187 -7.40 6.73 9.71
C GLU A 187 -6.55 7.98 9.55
N ILE A 188 -6.49 8.53 8.34
CA ILE A 188 -5.59 9.62 7.99
C ILE A 188 -6.35 10.94 7.83
N ALA A 189 -7.46 10.91 7.10
CA ALA A 189 -8.19 12.13 6.76
C ALA A 189 -9.31 12.45 7.73
N ASN A 190 -9.45 11.70 8.80
CA ASN A 190 -10.49 11.96 9.80
C ASN A 190 -11.88 12.04 9.15
N SER A 191 -12.15 11.11 8.23
CA SER A 191 -13.42 11.07 7.49
C SER A 191 -14.02 9.68 7.57
N PRO A 192 -14.43 9.24 8.76
CA PRO A 192 -14.98 7.88 8.88
C PRO A 192 -16.23 7.67 8.04
N GLU A 193 -17.09 8.67 7.89
CA GLU A 193 -18.29 8.45 7.08
C GLU A 193 -17.93 8.18 5.63
N GLU A 194 -16.95 8.91 5.08
CA GLU A 194 -16.51 8.67 3.71
C GLU A 194 -15.91 7.28 3.58
N ALA A 195 -15.15 6.85 4.60
CA ALA A 195 -14.55 5.53 4.59
C ALA A 195 -15.61 4.44 4.54
N ILE A 196 -16.64 4.57 5.38
CA ILE A 196 -17.73 3.59 5.43
C ILE A 196 -18.52 3.60 4.12
N SER A 197 -18.86 4.78 3.61
CA SER A 197 -19.61 4.85 2.36
CA SER A 197 -19.61 4.85 2.36
C SER A 197 -18.84 4.21 1.22
N LEU A 198 -17.54 4.49 1.13
CA LEU A 198 -16.76 3.91 0.05
C LEU A 198 -16.71 2.38 0.19
N ALA A 199 -16.46 1.88 1.39
CA ALA A 199 -16.37 0.43 1.54
C ALA A 199 -17.69 -0.24 1.18
N LYS A 200 -18.81 0.35 1.60
CA LYS A 200 -20.11 -0.25 1.34
C LYS A 200 -20.45 -0.22 -0.15
N THR A 201 -20.28 0.93 -0.80
CA THR A 201 -20.59 1.01 -2.23
CA THR A 201 -20.60 0.99 -2.23
C THR A 201 -19.69 0.06 -3.02
N THR A 202 -18.41 -0.01 -2.66
CA THR A 202 -17.50 -0.90 -3.37
C THR A 202 -17.96 -2.34 -3.21
N PHE A 203 -18.30 -2.73 -1.98
CA PHE A 203 -18.75 -4.10 -1.72
C PHE A 203 -20.01 -4.42 -2.53
N ASP A 204 -20.98 -3.51 -2.51
CA ASP A 204 -22.26 -3.78 -3.13
C ASP A 204 -22.13 -3.85 -4.65
N GLU A 205 -21.32 -2.99 -5.24
CA GLU A 205 -21.15 -3.01 -6.68
C GLU A 205 -20.38 -4.25 -7.15
N ALA A 206 -19.44 -4.73 -6.33
CA ALA A 206 -18.77 -5.98 -6.66
C ALA A 206 -19.73 -7.16 -6.56
N MET A 207 -20.54 -7.19 -5.48
CA MET A 207 -21.49 -8.28 -5.32
CA MET A 207 -21.55 -8.23 -5.29
C MET A 207 -22.37 -8.43 -6.56
N ALA A 208 -22.84 -7.32 -7.12
CA ALA A 208 -23.74 -7.36 -8.25
C ALA A 208 -23.09 -7.83 -9.54
N ASP A 209 -21.75 -7.87 -9.60
CA ASP A 209 -21.00 -8.26 -10.80
C ASP A 209 -20.41 -9.66 -10.68
N LEU A 210 -20.52 -10.31 -9.51
CA LEU A 210 -19.94 -11.63 -9.33
C LEU A 210 -20.48 -12.65 -10.32
N HIS A 211 -21.74 -12.47 -10.77
CA HIS A 211 -22.38 -13.46 -11.63
C HIS A 211 -21.66 -13.60 -12.97
N THR A 212 -20.82 -12.61 -13.34
CA THR A 212 -20.14 -12.62 -14.63
C THR A 212 -18.85 -13.43 -14.60
N LEU A 213 -18.40 -13.87 -13.43
CA LEU A 213 -17.05 -14.39 -13.22
C LEU A 213 -16.98 -15.91 -13.23
N SER A 214 -15.79 -16.39 -13.61
CA SER A 214 -15.44 -17.78 -13.42
C SER A 214 -15.27 -18.10 -11.93
N GLU A 215 -15.16 -19.40 -11.63
CA GLU A 215 -14.94 -19.83 -10.26
C GLU A 215 -13.66 -19.22 -9.70
N ASP A 216 -12.58 -19.21 -10.49
CA ASP A 216 -11.32 -18.71 -9.96
C ASP A 216 -11.37 -17.19 -9.75
N SER A 217 -11.98 -16.45 -10.67
CA SER A 217 -12.09 -15.01 -10.49
C SER A 217 -13.01 -14.68 -9.31
N TYR A 218 -14.08 -15.44 -9.15
CA TYR A 218 -14.97 -15.30 -8.01
CA TYR A 218 -14.97 -15.28 -8.01
C TYR A 218 -14.22 -15.43 -6.70
N LYS A 219 -13.35 -16.44 -6.60
CA LYS A 219 -12.55 -16.60 -5.39
CA LYS A 219 -12.55 -16.60 -5.39
C LYS A 219 -11.68 -15.38 -5.13
N ASP A 220 -11.03 -14.87 -6.19
CA ASP A 220 -10.14 -13.72 -6.01
C ASP A 220 -10.92 -12.50 -5.53
N SER A 221 -12.05 -12.20 -6.17
CA SER A 221 -12.81 -11.01 -5.84
C SER A 221 -13.45 -11.12 -4.45
N THR A 222 -14.04 -12.28 -4.13
CA THR A 222 -14.70 -12.41 -2.84
C THR A 222 -13.71 -12.33 -1.67
N LEU A 223 -12.45 -12.75 -1.88
CA LEU A 223 -11.47 -12.60 -0.80
C LEU A 223 -11.30 -11.15 -0.40
N ILE A 224 -11.21 -10.26 -1.39
CA ILE A 224 -11.02 -8.85 -1.07
C ILE A 224 -12.31 -8.22 -0.56
N MET A 225 -13.45 -8.65 -1.11
CA MET A 225 -14.71 -8.17 -0.56
C MET A 225 -14.83 -8.47 0.93
N GLN A 226 -14.30 -9.63 1.37
CA GLN A 226 -14.36 -9.95 2.79
C GLN A 226 -13.53 -8.97 3.62
N LEU A 227 -12.41 -8.49 3.07
CA LEU A 227 -11.63 -7.47 3.78
C LEU A 227 -12.44 -6.18 3.94
N LEU A 228 -13.18 -5.78 2.89
CA LEU A 228 -14.08 -4.64 3.02
C LEU A 228 -15.11 -4.87 4.12
N ARG A 229 -15.72 -6.06 4.13
CA ARG A 229 -16.71 -6.37 5.14
CA ARG A 229 -16.71 -6.39 5.14
C ARG A 229 -16.09 -6.38 6.53
N ASP A 230 -14.88 -6.92 6.67
CA ASP A 230 -14.22 -6.90 7.97
C ASP A 230 -14.13 -5.47 8.51
N ASN A 231 -13.74 -4.52 7.66
CA ASN A 231 -13.65 -3.13 8.09
C ASN A 231 -15.02 -2.55 8.41
N LEU A 232 -16.02 -2.84 7.58
CA LEU A 232 -17.36 -2.34 7.89
C LEU A 232 -17.85 -2.87 9.23
N THR A 233 -17.57 -4.13 9.54
CA THR A 233 -17.98 -4.69 10.83
C THR A 233 -17.24 -4.01 11.98
N LEU A 234 -15.95 -3.72 11.79
CA LEU A 234 -15.20 -3.05 12.84
C LEU A 234 -15.67 -1.62 13.06
N TRP A 235 -16.11 -0.94 12.00
CA TRP A 235 -16.35 0.49 12.03
C TRP A 235 -17.80 0.86 12.31
N THR A 236 -18.70 -0.10 12.30
CA THR A 236 -20.12 0.17 12.51
C THR A 236 -20.67 -0.69 13.65
N ARG B 2 -8.72 -7.40 15.13
CA ARG B 2 -9.21 -6.14 15.67
C ARG B 2 -8.52 -4.93 15.01
N ARG B 3 -7.43 -5.18 14.28
CA ARG B 3 -6.81 -4.14 13.46
C ARG B 3 -7.48 -4.14 12.09
N ARG B 4 -7.87 -2.95 11.63
CA ARG B 4 -8.53 -2.84 10.33
C ARG B 4 -7.64 -3.42 9.24
N LYS B 5 -8.29 -3.87 8.15
CA LYS B 5 -7.57 -4.48 7.05
C LYS B 5 -7.16 -3.48 5.97
N CYS B 7 -4.76 -3.72 2.02
CA CYS B 7 -4.48 -4.68 0.98
C CYS B 7 -3.08 -5.28 1.07
N GLN B 8 -3.00 -6.56 1.46
CA GLN B 8 -1.71 -7.19 1.77
C GLN B 8 -1.60 -8.61 1.19
N ALA B 9 -0.37 -9.14 1.23
CA ALA B 9 0.14 -10.44 0.75
C ALA B 9 0.63 -10.40 -0.69
#